data_2BKX
#
_entry.id   2BKX
#
_cell.length_a   62.966
_cell.length_b   47.898
_cell.length_c   71.397
_cell.angle_alpha   90.00
_cell.angle_beta   90.06
_cell.angle_gamma   90.00
#
_symmetry.space_group_name_H-M   'P 1 21 1'
#
loop_
_entity.id
_entity.type
_entity.pdbx_description
1 polymer 'GLUCOSAMINE-6-PHOSPHATE DEAMINASE'
2 non-polymer 'FRUCTOSE -6-PHOSPHATE'
3 water water
#
_entity_poly.entity_id   1
_entity_poly.type   'polypeptide(L)'
_entity_poly.pdbx_seq_one_letter_code
;MKVMECQTYEELSQIAARITADTIKEKPDAVLGLATGGTPEGTYRQLIRLHQTENLSFQNITTVNLDEYAGLSSDDPNSY
HFYMNDRFFQHIDSKPSRHFIPNGNADDLEAECRRYEQLVDSLGDTDIQLLGIGRNGHIGFNEPGTSFKSRTHVVTLNEQ
TRQANARYFPSIDSVPKKALTMGIQTILSSKRILLLISGKSKAEAVRKLLEGNISEDFPASALHLHSDVTVLIDREAASL
RP
;
_entity_poly.pdbx_strand_id   A,B
#
loop_
_chem_comp.id
_chem_comp.type
_chem_comp.name
_chem_comp.formula
F6R non-polymer 'FRUCTOSE -6-PHOSPHATE' 'C6 H13 O9 P'
#
# COMPACT_ATOMS: atom_id res chain seq x y z
N MET A 1 12.46 -11.14 -33.01
CA MET A 1 12.08 -10.15 -31.93
C MET A 1 12.02 -8.75 -32.53
N LYS A 2 10.92 -8.01 -32.31
CA LYS A 2 10.82 -6.60 -32.73
C LYS A 2 11.16 -5.67 -31.57
N VAL A 3 12.20 -4.87 -31.73
CA VAL A 3 12.62 -3.95 -30.69
C VAL A 3 12.24 -2.55 -31.09
N MET A 4 11.53 -1.86 -30.21
CA MET A 4 11.04 -0.50 -30.47
C MET A 4 11.59 0.42 -29.35
N GLU A 5 12.48 1.35 -29.68
CA GLU A 5 12.93 2.35 -28.73
C GLU A 5 11.85 3.41 -28.63
N CYS A 6 11.55 3.78 -27.40
CA CYS A 6 10.54 4.77 -27.04
C CYS A 6 11.26 5.96 -26.44
N GLN A 7 10.78 7.16 -26.72
CA GLN A 7 11.44 8.38 -26.26
C GLN A 7 11.32 8.56 -24.76
N THR A 8 10.20 8.11 -24.20
CA THR A 8 9.87 8.31 -22.81
C THR A 8 9.10 7.11 -22.30
N TYR A 9 9.04 6.99 -20.98
CA TYR A 9 8.19 6.03 -20.29
C TYR A 9 6.71 6.22 -20.70
N GLU A 10 6.28 7.46 -20.86
CA GLU A 10 4.90 7.75 -21.19
C GLU A 10 4.58 7.21 -22.60
N GLU A 11 5.51 7.33 -23.51
CA GLU A 11 5.31 6.80 -24.87
C GLU A 11 5.31 5.26 -24.83
N LEU A 12 6.22 4.65 -24.08
CA LEU A 12 6.22 3.20 -23.90
C LEU A 12 4.88 2.72 -23.40
N SER A 13 4.35 3.44 -22.41
CA SER A 13 3.09 3.08 -21.82
C SER A 13 1.91 3.24 -22.79
N GLN A 14 1.93 4.30 -23.60
CA GLN A 14 0.91 4.49 -24.61
C GLN A 14 0.90 3.34 -25.61
N ILE A 15 2.05 3.02 -26.13
CA ILE A 15 2.19 1.97 -27.14
C ILE A 15 1.78 0.62 -26.56
N ALA A 16 2.20 0.34 -25.32
CA ALA A 16 1.85 -0.93 -24.68
C ALA A 16 0.35 -1.03 -24.48
N ALA A 17 -0.26 0.04 -24.02
CA ALA A 17 -1.70 0.03 -23.82
C ALA A 17 -2.43 -0.18 -25.14
N ARG A 18 -1.93 0.43 -26.19
CA ARG A 18 -2.56 0.27 -27.50
C ARG A 18 -2.48 -1.18 -28.00
N ILE A 19 -1.31 -1.80 -27.86
CA ILE A 19 -1.13 -3.19 -28.28
C ILE A 19 -2.04 -4.12 -27.48
N THR A 20 -2.16 -3.86 -26.17
CA THR A 20 -3.03 -4.67 -25.32
C THR A 20 -4.50 -4.45 -25.74
N ALA A 21 -4.88 -3.18 -25.94
CA ALA A 21 -6.23 -2.87 -26.41
C ALA A 21 -6.55 -3.56 -27.73
N ASP A 22 -5.58 -3.59 -28.62
CA ASP A 22 -5.74 -4.29 -29.91
C ASP A 22 -6.12 -5.75 -29.68
N THR A 23 -5.44 -6.37 -28.70
CA THR A 23 -5.68 -7.81 -28.43
C THR A 23 -7.12 -8.00 -27.92
N ILE A 24 -7.52 -7.10 -27.03
CA ILE A 24 -8.85 -7.13 -26.45
C ILE A 24 -9.96 -6.92 -27.48
N LYS A 25 -9.76 -6.01 -28.41
CA LYS A 25 -10.79 -5.72 -29.36
C LYS A 25 -10.87 -6.72 -30.49
N GLU A 26 -9.75 -7.27 -30.92
CA GLU A 26 -9.75 -8.29 -31.97
C GLU A 26 -10.47 -9.56 -31.45
N LYS A 27 -10.27 -9.83 -30.17
CA LYS A 27 -10.80 -11.05 -29.51
C LYS A 27 -11.33 -10.60 -28.13
N PRO A 28 -12.62 -10.21 -28.05
CA PRO A 28 -13.20 -9.79 -26.77
C PRO A 28 -13.10 -10.79 -25.64
N ASP A 29 -13.01 -12.07 -25.98
CA ASP A 29 -12.78 -13.14 -25.03
C ASP A 29 -11.30 -13.53 -24.93
N ALA A 30 -10.44 -12.57 -25.22
CA ALA A 30 -9.01 -12.79 -25.09
C ALA A 30 -8.63 -13.14 -23.70
N VAL A 31 -7.56 -13.92 -23.59
CA VAL A 31 -6.88 -14.25 -22.38
C VAL A 31 -5.60 -13.40 -22.34
N LEU A 32 -5.51 -12.50 -21.37
CA LEU A 32 -4.36 -11.63 -21.26
C LEU A 32 -3.48 -12.12 -20.14
N GLY A 33 -2.20 -12.30 -20.41
CA GLY A 33 -1.21 -12.55 -19.39
C GLY A 33 -0.68 -11.24 -18.90
N LEU A 34 -0.66 -11.01 -17.58
CA LEU A 34 -0.37 -9.69 -17.04
C LEU A 34 0.78 -9.78 -16.03
N ALA A 35 1.37 -8.61 -15.79
CA ALA A 35 2.55 -8.45 -14.96
C ALA A 35 2.35 -7.34 -13.94
N THR A 36 3.06 -7.42 -12.82
CA THR A 36 3.08 -6.37 -11.82
C THR A 36 4.43 -5.66 -11.87
N GLY A 37 4.74 -4.93 -10.80
CA GLY A 37 5.97 -4.14 -10.75
C GLY A 37 5.82 -2.70 -11.22
N GLY A 38 6.92 -1.97 -11.20
CA GLY A 38 6.87 -0.57 -11.60
C GLY A 38 6.67 -0.41 -13.10
N THR A 39 7.23 -1.30 -13.91
CA THR A 39 7.25 -1.04 -15.32
C THR A 39 5.87 -0.87 -15.98
N PRO A 40 4.91 -1.77 -15.70
CA PRO A 40 3.61 -1.65 -16.37
C PRO A 40 2.63 -0.65 -15.75
N GLU A 41 3.04 0.09 -14.72
CA GLU A 41 2.12 1.01 -14.07
C GLU A 41 1.48 1.98 -15.05
N GLY A 42 2.29 2.59 -15.92
CA GLY A 42 1.73 3.53 -16.91
C GLY A 42 0.82 2.87 -17.90
N THR A 43 1.11 1.61 -18.28
CA THR A 43 0.25 0.85 -19.19
C THR A 43 -1.12 0.66 -18.61
N TYR A 44 -1.20 0.27 -17.36
CA TYR A 44 -2.51 0.12 -16.74
C TYR A 44 -3.24 1.45 -16.66
N ARG A 45 -2.55 2.52 -16.34
CA ARG A 45 -3.19 3.83 -16.29
C ARG A 45 -3.74 4.19 -17.68
N GLN A 46 -2.96 3.96 -18.74
CA GLN A 46 -3.44 4.29 -20.05
C GLN A 46 -4.57 3.39 -20.54
N LEU A 47 -4.54 2.10 -20.19
CA LEU A 47 -5.69 1.21 -20.46
C LEU A 47 -6.98 1.68 -19.86
N ILE A 48 -6.91 2.13 -18.61
CA ILE A 48 -8.05 2.69 -17.92
C ILE A 48 -8.50 3.96 -18.63
N ARG A 49 -7.58 4.79 -19.07
CA ARG A 49 -7.96 5.96 -19.82
C ARG A 49 -8.73 5.59 -21.07
N LEU A 50 -8.26 4.60 -21.82
CA LEU A 50 -8.93 4.18 -23.06
C LEU A 50 -10.34 3.66 -22.78
N HIS A 51 -10.52 3.11 -21.59
CA HIS A 51 -11.86 2.70 -21.13
C HIS A 51 -12.82 3.89 -21.21
N GLN A 52 -12.32 5.08 -20.86
CA GLN A 52 -13.07 6.33 -21.00
C GLN A 52 -13.05 6.95 -22.40
N THR A 53 -11.87 7.23 -22.91
CA THR A 53 -11.74 8.02 -24.11
C THR A 53 -12.21 7.25 -25.36
N GLU A 54 -12.17 5.91 -25.31
CA GLU A 54 -12.55 5.07 -26.46
C GLU A 54 -13.63 4.07 -26.14
N ASN A 55 -14.19 4.15 -24.94
CA ASN A 55 -15.26 3.27 -24.57
C ASN A 55 -14.80 1.82 -24.74
N LEU A 56 -13.52 1.57 -24.41
CA LEU A 56 -12.98 0.25 -24.52
C LEU A 56 -13.53 -0.64 -23.42
N SER A 57 -14.10 -1.78 -23.80
CA SER A 57 -14.74 -2.72 -22.84
C SER A 57 -13.88 -3.93 -22.53
N PHE A 58 -13.87 -4.31 -21.26
CA PHE A 58 -13.16 -5.48 -20.77
C PHE A 58 -14.13 -6.60 -20.36
N GLN A 59 -15.39 -6.51 -20.80
CA GLN A 59 -16.42 -7.40 -20.29
C GLN A 59 -16.20 -8.90 -20.48
N ASN A 60 -15.53 -9.27 -21.56
CA ASN A 60 -15.38 -10.69 -21.83
C ASN A 60 -13.95 -11.21 -21.71
N ILE A 61 -13.07 -10.37 -21.18
CA ILE A 61 -11.67 -10.76 -21.04
C ILE A 61 -11.48 -11.71 -19.88
N THR A 62 -10.45 -12.52 -20.02
CA THR A 62 -9.90 -13.32 -18.92
C THR A 62 -8.46 -12.91 -18.74
N THR A 63 -7.97 -12.89 -17.50
CA THR A 63 -6.55 -12.62 -17.28
C THR A 63 -5.88 -13.64 -16.39
N VAL A 64 -4.58 -13.83 -16.65
CA VAL A 64 -3.73 -14.67 -15.79
C VAL A 64 -2.47 -13.85 -15.49
N ASN A 65 -2.09 -13.82 -14.22
CA ASN A 65 -0.91 -13.09 -13.83
C ASN A 65 0.30 -14.02 -13.73
N LEU A 66 1.48 -13.44 -13.93
CA LEU A 66 2.73 -14.18 -13.88
C LEU A 66 3.02 -14.80 -12.54
N ASP A 67 2.76 -14.06 -11.47
CA ASP A 67 3.38 -14.41 -10.20
C ASP A 67 2.67 -13.86 -8.99
N GLU A 68 3.03 -14.41 -7.83
CA GLU A 68 2.55 -13.93 -6.53
C GLU A 68 3.57 -14.33 -5.50
N TYR A 69 3.73 -13.49 -4.48
CA TYR A 69 4.66 -13.81 -3.42
C TYR A 69 4.09 -14.93 -2.53
N ALA A 70 4.97 -15.82 -2.06
CA ALA A 70 4.56 -16.87 -1.14
C ALA A 70 4.35 -16.32 0.24
N GLY A 71 3.25 -16.70 0.83
CA GLY A 71 2.96 -16.35 2.22
C GLY A 71 2.16 -15.09 2.39
N LEU A 72 1.79 -14.42 1.30
CA LEU A 72 0.96 -13.22 1.39
C LEU A 72 -0.48 -13.53 0.99
N SER A 73 -1.42 -13.04 1.78
CA SER A 73 -2.84 -13.13 1.41
C SER A 73 -3.23 -12.04 0.44
N SER A 74 -4.40 -12.21 -0.17
CA SER A 74 -4.85 -11.31 -1.22
C SER A 74 -5.11 -9.88 -0.77
N ASP A 75 -5.40 -9.73 0.51
CA ASP A 75 -5.67 -8.40 1.06
C ASP A 75 -4.39 -7.73 1.55
N ASP A 76 -3.25 -8.43 1.56
CA ASP A 76 -1.94 -7.82 1.98
C ASP A 76 -1.55 -6.77 0.95
N PRO A 77 -1.22 -5.55 1.37
CA PRO A 77 -0.93 -4.49 0.42
C PRO A 77 0.29 -4.77 -0.45
N ASN A 78 1.13 -5.72 -0.09
CA ASN A 78 2.27 -6.08 -0.94
C ASN A 78 2.03 -7.27 -1.83
N SER A 79 0.84 -7.86 -1.77
CA SER A 79 0.51 -8.95 -2.68
C SER A 79 0.23 -8.44 -4.07
N TYR A 80 0.49 -9.31 -5.04
CA TYR A 80 0.16 -8.98 -6.41
C TYR A 80 -1.34 -9.03 -6.70
N HIS A 81 -2.08 -9.80 -5.92
CA HIS A 81 -3.53 -9.69 -5.94
C HIS A 81 -3.94 -8.25 -5.65
N PHE A 82 -3.42 -7.68 -4.58
CA PHE A 82 -3.77 -6.29 -4.23
C PHE A 82 -3.36 -5.33 -5.31
N TYR A 83 -2.12 -5.49 -5.81
CA TYR A 83 -1.67 -4.62 -6.88
C TYR A 83 -2.65 -4.64 -8.06
N MET A 84 -3.02 -5.84 -8.54
CA MET A 84 -3.83 -5.90 -9.75
C MET A 84 -5.21 -5.31 -9.53
N ASN A 85 -5.78 -5.54 -8.36
CA ASN A 85 -7.07 -4.96 -8.05
C ASN A 85 -6.99 -3.45 -8.00
N ASP A 86 -5.97 -2.96 -7.31
CA ASP A 86 -5.82 -1.50 -7.13
C ASP A 86 -5.50 -0.78 -8.44
N ARG A 87 -4.58 -1.32 -9.23
CA ARG A 87 -4.11 -0.61 -10.42
C ARG A 87 -5.05 -0.81 -11.63
N PHE A 88 -5.84 -1.89 -11.62
CA PHE A 88 -6.51 -2.32 -12.83
C PHE A 88 -7.93 -2.80 -12.64
N PHE A 89 -8.12 -3.89 -11.90
CA PHE A 89 -9.43 -4.52 -11.92
C PHE A 89 -10.51 -3.60 -11.37
N GLN A 90 -10.20 -2.81 -10.36
CA GLN A 90 -11.26 -1.96 -9.77
C GLN A 90 -11.79 -0.88 -10.70
N HIS A 91 -11.09 -0.63 -11.79
CA HIS A 91 -11.32 0.50 -12.67
C HIS A 91 -11.92 0.10 -14.01
N ILE A 92 -12.16 -1.19 -14.24
CA ILE A 92 -12.64 -1.68 -15.52
C ILE A 92 -13.94 -2.49 -15.37
N ASP A 93 -14.58 -2.81 -16.49
CA ASP A 93 -15.88 -3.49 -16.50
C ASP A 93 -15.73 -4.95 -16.82
N SER A 94 -14.69 -5.57 -16.26
CA SER A 94 -14.49 -7.01 -16.43
C SER A 94 -15.42 -7.84 -15.56
N LYS A 95 -15.43 -9.15 -15.75
CA LYS A 95 -16.03 -10.07 -14.79
C LYS A 95 -14.95 -10.46 -13.79
N PRO A 96 -15.08 -10.04 -12.52
CA PRO A 96 -14.01 -10.31 -11.56
C PRO A 96 -13.57 -11.76 -11.41
N SER A 97 -14.49 -12.71 -11.57
CA SER A 97 -14.12 -14.11 -11.40
C SER A 97 -13.24 -14.64 -12.52
N ARG A 98 -13.03 -13.83 -13.56
CA ARG A 98 -12.19 -14.25 -14.68
C ARG A 98 -10.78 -13.65 -14.61
N HIS A 99 -10.39 -13.15 -13.43
CA HIS A 99 -9.03 -12.68 -13.19
C HIS A 99 -8.39 -13.72 -12.29
N PHE A 100 -7.30 -14.32 -12.76
CA PHE A 100 -6.62 -15.39 -12.08
C PHE A 100 -5.19 -14.98 -11.72
N ILE A 101 -4.81 -15.30 -10.49
CA ILE A 101 -3.49 -14.99 -9.96
C ILE A 101 -3.14 -16.16 -9.02
N PRO A 102 -1.88 -16.61 -8.99
CA PRO A 102 -1.58 -17.75 -8.07
C PRO A 102 -1.84 -17.38 -6.63
N ASN A 103 -2.36 -18.32 -5.85
CA ASN A 103 -2.66 -18.09 -4.45
C ASN A 103 -1.42 -18.37 -3.60
N GLY A 104 -0.68 -17.31 -3.25
CA GLY A 104 0.53 -17.45 -2.46
C GLY A 104 0.28 -17.85 -1.03
N ASN A 105 -0.98 -17.85 -0.61
CA ASN A 105 -1.36 -18.20 0.75
C ASN A 105 -1.95 -19.61 0.81
N ALA A 106 -1.88 -20.40 -0.29
CA ALA A 106 -2.38 -21.78 -0.24
C ALA A 106 -1.57 -22.61 0.72
N ASP A 107 -2.21 -23.62 1.29
CA ASP A 107 -1.55 -24.55 2.21
C ASP A 107 -0.48 -25.39 1.55
N ASP A 108 -0.72 -25.76 0.30
CA ASP A 108 0.22 -26.60 -0.44
C ASP A 108 0.57 -25.81 -1.69
N LEU A 109 1.73 -25.17 -1.66
CA LEU A 109 2.08 -24.27 -2.78
C LEU A 109 2.44 -25.05 -4.04
N GLU A 110 3.02 -26.22 -3.89
CA GLU A 110 3.28 -27.09 -5.05
C GLU A 110 1.99 -27.47 -5.80
N ALA A 111 0.99 -27.88 -5.04
CA ALA A 111 -0.29 -28.21 -5.62
C ALA A 111 -0.97 -27.00 -6.25
N GLU A 112 -0.86 -25.85 -5.61
CA GLU A 112 -1.37 -24.61 -6.20
C GLU A 112 -0.76 -24.34 -7.55
N CYS A 113 0.54 -24.54 -7.66
CA CYS A 113 1.24 -24.30 -8.94
C CYS A 113 0.78 -25.27 -10.03
N ARG A 114 0.57 -26.54 -9.69
CA ARG A 114 0.06 -27.51 -10.64
C ARG A 114 -1.32 -27.13 -11.11
N ARG A 115 -2.20 -26.73 -10.18
CA ARG A 115 -3.57 -26.32 -10.57
C ARG A 115 -3.54 -25.07 -11.43
N TYR A 116 -2.61 -24.17 -11.14
CA TYR A 116 -2.54 -22.92 -11.90
C TYR A 116 -2.13 -23.19 -13.32
N GLU A 117 -1.11 -24.06 -13.49
CA GLU A 117 -0.67 -24.40 -14.82
C GLU A 117 -1.81 -25.06 -15.60
N GLN A 118 -2.53 -25.97 -14.93
CA GLN A 118 -3.67 -26.64 -15.55
C GLN A 118 -4.76 -25.64 -15.98
N LEU A 119 -4.95 -24.61 -15.15
CA LEU A 119 -5.92 -23.58 -15.50
C LEU A 119 -5.50 -22.83 -16.71
N VAL A 120 -4.24 -22.39 -16.75
CA VAL A 120 -3.76 -21.66 -17.93
C VAL A 120 -3.95 -22.50 -19.19
N ASP A 121 -3.65 -23.81 -19.13
CA ASP A 121 -3.88 -24.66 -20.30
C ASP A 121 -5.34 -24.71 -20.70
N SER A 122 -6.21 -24.83 -19.71
CA SER A 122 -7.63 -24.94 -20.00
C SER A 122 -8.22 -23.68 -20.62
N LEU A 123 -7.58 -22.55 -20.35
CA LEU A 123 -8.04 -21.29 -20.92
C LEU A 123 -7.70 -21.15 -22.38
N GLY A 124 -6.88 -22.05 -22.90
CA GLY A 124 -6.36 -21.93 -24.24
C GLY A 124 -5.05 -21.20 -24.34
N ASP A 125 -4.31 -21.11 -23.24
CA ASP A 125 -3.05 -20.36 -23.17
C ASP A 125 -3.40 -18.88 -23.28
N THR A 126 -2.39 -17.98 -23.20
CA THR A 126 -2.65 -16.55 -23.38
C THR A 126 -2.62 -16.06 -24.85
N ASP A 127 -3.43 -15.05 -25.17
CA ASP A 127 -3.41 -14.35 -26.43
C ASP A 127 -2.28 -13.32 -26.50
N ILE A 128 -1.99 -12.70 -25.35
CA ILE A 128 -0.81 -11.85 -25.23
C ILE A 128 -0.28 -12.02 -23.81
N GLN A 129 1.04 -11.93 -23.65
CA GLN A 129 1.64 -12.01 -22.32
C GLN A 129 2.52 -10.79 -22.16
N LEU A 130 2.14 -9.89 -21.23
CA LEU A 130 2.96 -8.79 -20.80
C LEU A 130 4.06 -9.28 -19.84
N LEU A 131 5.28 -8.78 -20.03
CA LEU A 131 6.40 -9.11 -19.20
C LEU A 131 7.16 -7.84 -18.85
N GLY A 132 7.81 -7.89 -17.70
CA GLY A 132 8.94 -7.01 -17.43
C GLY A 132 10.22 -7.83 -17.40
N ILE A 133 11.34 -7.21 -17.04
CA ILE A 133 12.63 -7.90 -16.96
C ILE A 133 13.30 -7.54 -15.67
N GLY A 134 13.87 -8.52 -15.00
CA GLY A 134 14.65 -8.25 -13.84
C GLY A 134 15.97 -7.63 -14.20
N ARG A 135 16.63 -7.07 -13.21
CA ARG A 135 17.94 -6.53 -13.41
C ARG A 135 18.89 -7.62 -13.89
N ASN A 136 18.62 -8.86 -13.48
CA ASN A 136 19.39 -10.03 -13.84
C ASN A 136 18.82 -10.84 -15.01
N GLY A 137 17.86 -10.26 -15.73
CA GLY A 137 17.25 -10.96 -16.85
C GLY A 137 16.10 -11.89 -16.53
N HIS A 138 15.66 -11.94 -15.27
CA HIS A 138 14.52 -12.78 -14.99
C HIS A 138 13.28 -12.34 -15.74
N ILE A 139 12.42 -13.29 -16.02
CA ILE A 139 11.07 -13.07 -16.54
C ILE A 139 10.13 -13.85 -15.64
N GLY A 140 8.99 -13.28 -15.33
CA GLY A 140 8.27 -13.69 -14.14
C GLY A 140 9.25 -13.67 -12.95
N PHE A 141 9.22 -14.70 -12.12
CA PHE A 141 10.30 -14.90 -11.13
C PHE A 141 11.15 -16.12 -11.46
N ASN A 142 11.30 -16.37 -12.77
CA ASN A 142 12.23 -17.37 -13.26
C ASN A 142 13.64 -16.80 -13.26
N GLU A 143 14.39 -17.14 -12.20
CA GLU A 143 15.71 -16.57 -12.00
C GLU A 143 16.75 -17.30 -12.84
N PRO A 144 17.94 -16.70 -12.98
CA PRO A 144 19.01 -17.39 -13.70
C PRO A 144 19.20 -18.83 -13.27
N GLY A 145 19.34 -19.69 -14.28
CA GLY A 145 19.46 -21.10 -14.06
C GLY A 145 18.19 -21.89 -14.24
N THR A 146 17.06 -21.21 -14.51
CA THR A 146 15.81 -21.90 -14.66
C THR A 146 15.75 -22.55 -16.04
N SER A 147 15.32 -23.79 -16.08
CA SER A 147 15.07 -24.45 -17.36
C SER A 147 14.06 -23.72 -18.24
N PHE A 148 14.34 -23.65 -19.54
CA PHE A 148 13.39 -23.14 -20.49
C PHE A 148 12.13 -24.01 -20.60
N LYS A 149 12.18 -25.24 -20.08
CA LYS A 149 11.01 -26.11 -20.05
C LYS A 149 10.17 -25.95 -18.77
N SER A 150 10.57 -25.03 -17.88
CA SER A 150 9.89 -24.88 -16.61
C SER A 150 8.42 -24.49 -16.78
N ARG A 151 7.62 -24.97 -15.84
CA ARG A 151 6.19 -24.69 -15.74
C ARG A 151 5.94 -23.92 -14.45
N THR A 152 4.69 -23.64 -14.10
CA THR A 152 4.43 -22.82 -12.93
C THR A 152 5.03 -23.55 -11.73
N HIS A 153 5.75 -22.81 -10.87
CA HIS A 153 6.50 -23.43 -9.77
C HIS A 153 6.81 -22.45 -8.67
N VAL A 154 7.19 -23.03 -7.52
CA VAL A 154 7.67 -22.32 -6.36
C VAL A 154 9.14 -22.05 -6.51
N VAL A 155 9.54 -20.80 -6.30
CA VAL A 155 10.92 -20.33 -6.43
C VAL A 155 11.41 -19.61 -5.21
N THR A 156 12.71 -19.72 -4.98
CA THR A 156 13.38 -18.92 -3.96
C THR A 156 13.96 -17.72 -4.70
N LEU A 157 13.53 -16.53 -4.32
CA LEU A 157 13.96 -15.33 -4.98
C LEU A 157 15.45 -15.07 -4.78
N ASN A 158 16.11 -14.63 -5.85
CA ASN A 158 17.50 -14.24 -5.70
C ASN A 158 17.62 -13.00 -4.84
N GLU A 159 18.76 -12.82 -4.19
CA GLU A 159 18.94 -11.61 -3.40
C GLU A 159 18.81 -10.33 -4.22
N GLN A 160 19.25 -10.33 -5.48
CA GLN A 160 19.10 -9.12 -6.31
C GLN A 160 17.64 -8.72 -6.49
N THR A 161 16.75 -9.70 -6.58
CA THR A 161 15.33 -9.46 -6.73
C THR A 161 14.74 -8.88 -5.45
N ARG A 162 15.15 -9.44 -4.32
CA ARG A 162 14.69 -8.89 -3.02
C ARG A 162 15.21 -7.45 -2.83
N GLN A 163 16.47 -7.22 -3.20
CA GLN A 163 17.07 -5.88 -3.12
C GLN A 163 16.28 -4.90 -4.00
N ALA A 164 15.95 -5.30 -5.23
CA ALA A 164 15.23 -4.44 -6.14
C ALA A 164 13.82 -4.09 -5.65
N ASN A 165 13.14 -5.07 -5.07
CA ASN A 165 11.76 -4.92 -4.73
C ASN A 165 11.58 -4.37 -3.31
N ALA A 166 12.67 -4.21 -2.56
CA ALA A 166 12.60 -3.69 -1.19
C ALA A 166 11.92 -2.33 -1.11
N ARG A 167 12.06 -1.53 -2.16
CA ARG A 167 11.45 -0.20 -2.25
C ARG A 167 9.96 -0.20 -2.00
N TYR A 168 9.31 -1.34 -2.22
CA TYR A 168 7.86 -1.42 -2.01
C TYR A 168 7.41 -1.87 -0.64
N PHE A 169 8.35 -2.29 0.21
CA PHE A 169 8.04 -2.89 1.51
C PHE A 169 8.38 -1.96 2.66
N PRO A 170 7.75 -2.18 3.81
CA PRO A 170 8.08 -1.36 4.96
C PRO A 170 9.52 -1.50 5.41
N SER A 171 10.09 -2.67 5.19
CA SER A 171 11.46 -2.95 5.69
C SER A 171 12.04 -4.08 4.86
N ILE A 172 13.35 -4.22 4.90
CA ILE A 172 13.98 -5.35 4.19
C ILE A 172 13.52 -6.70 4.75
N ASP A 173 13.27 -6.76 6.04
CA ASP A 173 12.86 -8.01 6.68
C ASP A 173 11.48 -8.48 6.27
N SER A 174 10.67 -7.60 5.68
CA SER A 174 9.33 -8.00 5.22
C SER A 174 9.31 -8.49 3.80
N VAL A 175 10.39 -8.32 3.06
CA VAL A 175 10.41 -8.79 1.69
C VAL A 175 10.39 -10.34 1.67
N PRO A 176 9.41 -10.94 0.98
CA PRO A 176 9.34 -12.39 0.96
C PRO A 176 10.58 -13.06 0.35
N LYS A 177 10.82 -14.29 0.79
CA LYS A 177 11.93 -15.08 0.27
C LYS A 177 11.53 -15.98 -0.90
N LYS A 178 10.24 -16.27 -1.01
CA LYS A 178 9.78 -17.18 -2.06
C LYS A 178 8.59 -16.61 -2.82
N ALA A 179 8.31 -17.23 -3.96
CA ALA A 179 7.21 -16.82 -4.79
C ALA A 179 6.71 -17.99 -5.62
N LEU A 180 5.54 -17.81 -6.21
CA LEU A 180 4.96 -18.71 -7.20
C LEU A 180 5.00 -17.98 -8.54
N THR A 181 5.51 -18.64 -9.59
CA THR A 181 5.63 -17.99 -10.90
C THR A 181 5.29 -18.97 -12.03
N MET A 182 4.62 -18.43 -13.02
CA MET A 182 4.53 -19.10 -14.33
C MET A 182 5.93 -19.42 -14.75
N GLY A 183 6.13 -20.58 -15.37
CA GLY A 183 7.46 -20.94 -15.85
C GLY A 183 7.78 -20.36 -17.20
N ILE A 184 9.00 -20.60 -17.64
CA ILE A 184 9.42 -20.10 -18.93
C ILE A 184 8.60 -20.74 -20.06
N GLN A 185 8.34 -22.05 -19.97
CA GLN A 185 7.53 -22.66 -21.00
C GLN A 185 6.08 -22.12 -20.95
N THR A 186 5.58 -21.85 -19.76
CA THR A 186 4.25 -21.26 -19.61
C THR A 186 4.17 -19.92 -20.37
N ILE A 187 5.22 -19.12 -20.20
CA ILE A 187 5.31 -17.82 -20.89
C ILE A 187 5.45 -17.98 -22.43
N LEU A 188 6.31 -18.91 -22.84
CA LEU A 188 6.58 -19.13 -24.26
C LEU A 188 5.38 -19.67 -25.01
N SER A 189 4.43 -20.29 -24.30
CA SER A 189 3.20 -20.77 -24.94
C SER A 189 2.24 -19.67 -25.35
N SER A 190 2.49 -18.43 -24.93
CA SER A 190 1.63 -17.33 -25.33
C SER A 190 1.66 -17.17 -26.83
N LYS A 191 0.58 -16.68 -27.39
CA LYS A 191 0.58 -16.38 -28.82
C LYS A 191 1.48 -15.17 -29.14
N ARG A 192 1.60 -14.24 -28.21
CA ARG A 192 2.26 -12.97 -28.46
C ARG A 192 2.86 -12.47 -27.16
N ILE A 193 4.10 -12.01 -27.20
CA ILE A 193 4.76 -11.50 -26.01
C ILE A 193 5.05 -10.02 -26.17
N LEU A 194 4.79 -9.26 -25.11
CA LEU A 194 5.07 -7.82 -25.06
C LEU A 194 5.94 -7.58 -23.82
N LEU A 195 7.23 -7.34 -24.06
CA LEU A 195 8.21 -7.12 -23.01
C LEU A 195 8.47 -5.63 -22.90
N LEU A 196 8.27 -5.10 -21.68
CA LEU A 196 8.41 -3.68 -21.39
C LEU A 196 9.67 -3.47 -20.53
N ILE A 197 10.48 -2.48 -20.90
CA ILE A 197 11.73 -2.22 -20.22
C ILE A 197 11.96 -0.73 -20.12
N SER A 198 12.11 -0.26 -18.88
CA SER A 198 12.24 1.17 -18.60
C SER A 198 13.29 1.45 -17.53
N GLY A 199 14.10 2.48 -17.79
CA GLY A 199 14.98 3.01 -16.78
C GLY A 199 16.38 2.45 -16.79
N LYS A 200 17.30 3.25 -16.21
CA LYS A 200 18.73 2.91 -16.17
C LYS A 200 19.05 1.59 -15.47
N SER A 201 18.22 1.19 -14.50
CA SER A 201 18.48 -0.05 -13.79
C SER A 201 18.43 -1.28 -14.66
N LYS A 202 17.82 -1.16 -15.85
CA LYS A 202 17.67 -2.28 -16.77
C LYS A 202 18.63 -2.22 -17.96
N ALA A 203 19.49 -1.20 -18.02
CA ALA A 203 20.32 -1.02 -19.19
C ALA A 203 21.29 -2.20 -19.42
N GLU A 204 21.83 -2.77 -18.37
CA GLU A 204 22.69 -3.95 -18.54
C GLU A 204 21.91 -5.17 -19.04
N ALA A 205 20.69 -5.35 -18.53
CA ALA A 205 19.84 -6.44 -19.02
C ALA A 205 19.48 -6.25 -20.49
N VAL A 206 19.19 -5.02 -20.87
CA VAL A 206 18.88 -4.74 -22.28
C VAL A 206 20.08 -5.13 -23.16
N ARG A 207 21.27 -4.73 -22.74
CA ARG A 207 22.47 -5.08 -23.50
C ARG A 207 22.60 -6.59 -23.69
N LYS A 208 22.44 -7.34 -22.61
CA LYS A 208 22.54 -8.80 -22.70
C LYS A 208 21.44 -9.38 -23.60
N LEU A 209 20.22 -8.87 -23.50
CA LEU A 209 19.12 -9.36 -24.32
C LEU A 209 19.44 -9.16 -25.80
N LEU A 210 19.89 -7.96 -26.12
CA LEU A 210 20.14 -7.59 -27.52
C LEU A 210 21.39 -8.25 -28.10
N GLU A 211 22.35 -8.63 -27.26
CA GLU A 211 23.56 -9.35 -27.73
C GLU A 211 23.20 -10.76 -28.19
N GLY A 212 22.08 -11.33 -27.72
CA GLY A 212 21.52 -12.52 -28.38
C GLY A 212 22.09 -13.87 -28.00
N ASN A 213 22.91 -13.92 -26.97
CA ASN A 213 23.36 -15.22 -26.45
C ASN A 213 22.15 -15.88 -25.79
N ILE A 214 21.88 -17.13 -26.14
CA ILE A 214 20.72 -17.83 -25.59
C ILE A 214 21.20 -18.82 -24.53
N SER A 215 20.81 -18.57 -23.27
CA SER A 215 21.20 -19.45 -22.19
C SER A 215 20.37 -19.26 -20.94
N GLU A 216 20.34 -20.31 -20.13
CA GLU A 216 19.59 -20.28 -18.88
C GLU A 216 20.12 -19.27 -17.90
N ASP A 217 21.38 -18.83 -18.07
CA ASP A 217 21.93 -17.84 -17.15
C ASP A 217 21.25 -16.47 -17.30
N PHE A 218 20.57 -16.25 -18.44
CA PHE A 218 19.85 -15.00 -18.68
C PHE A 218 18.43 -15.33 -19.18
N PRO A 219 17.48 -15.51 -18.25
CA PRO A 219 16.17 -16.09 -18.58
C PRO A 219 15.46 -15.44 -19.76
N ALA A 220 15.53 -14.12 -19.87
CA ALA A 220 14.83 -13.42 -20.93
C ALA A 220 15.33 -13.84 -22.34
N SER A 221 16.52 -14.42 -22.41
CA SER A 221 17.04 -14.88 -23.68
C SER A 221 16.21 -15.99 -24.29
N ALA A 222 15.38 -16.67 -23.49
CA ALA A 222 14.44 -17.62 -24.03
C ALA A 222 13.51 -16.98 -25.06
N LEU A 223 13.29 -15.68 -24.95
CA LEU A 223 12.40 -14.99 -25.87
C LEU A 223 12.93 -14.95 -27.30
N HIS A 224 14.21 -15.19 -27.50
CA HIS A 224 14.75 -15.32 -28.86
C HIS A 224 14.18 -16.56 -29.57
N LEU A 225 13.54 -17.45 -28.83
CA LEU A 225 12.99 -18.65 -29.41
C LEU A 225 11.51 -18.53 -29.75
N HIS A 226 10.91 -17.37 -29.51
CA HIS A 226 9.48 -17.15 -29.75
C HIS A 226 9.27 -16.38 -31.05
N SER A 227 8.14 -16.65 -31.70
CA SER A 227 7.86 -16.11 -33.03
C SER A 227 7.21 -14.75 -33.07
N ASP A 228 6.77 -14.25 -31.94
CA ASP A 228 6.06 -12.95 -31.92
C ASP A 228 6.30 -12.21 -30.61
N VAL A 229 7.48 -11.61 -30.52
CA VAL A 229 7.92 -10.86 -29.36
C VAL A 229 8.15 -9.41 -29.75
N THR A 230 7.52 -8.50 -29.00
CA THR A 230 7.77 -7.08 -29.17
C THR A 230 8.39 -6.62 -27.86
N VAL A 231 9.47 -5.84 -27.97
CA VAL A 231 10.20 -5.32 -26.81
C VAL A 231 10.20 -3.81 -26.90
N LEU A 232 9.60 -3.16 -25.90
CA LEU A 232 9.56 -1.71 -25.83
C LEU A 232 10.59 -1.26 -24.83
N ILE A 233 11.50 -0.37 -25.25
CA ILE A 233 12.62 0.03 -24.39
C ILE A 233 12.70 1.54 -24.40
N ASP A 234 12.64 2.17 -23.23
CA ASP A 234 12.82 3.62 -23.19
C ASP A 234 14.28 4.03 -23.28
N ARG A 235 14.55 5.33 -23.43
CA ARG A 235 15.90 5.84 -23.73
C ARG A 235 16.88 5.45 -22.64
N GLU A 236 16.47 5.55 -21.40
CA GLU A 236 17.33 5.23 -20.29
C GLU A 236 17.70 3.74 -20.27
N ALA A 237 16.74 2.90 -20.60
CA ALA A 237 16.99 1.47 -20.64
C ALA A 237 17.85 1.06 -21.82
N ALA A 238 17.88 1.89 -22.87
CA ALA A 238 18.62 1.60 -24.11
C ALA A 238 20.05 2.11 -24.10
N SER A 239 20.47 2.71 -22.99
CA SER A 239 21.72 3.49 -22.95
C SER A 239 23.01 2.69 -23.05
N LEU A 240 22.96 1.38 -22.84
CA LEU A 240 24.15 0.52 -22.93
C LEU A 240 24.01 -0.51 -24.01
N ARG A 241 23.14 -0.28 -24.99
CA ARG A 241 22.90 -1.32 -25.99
C ARG A 241 24.18 -1.55 -26.79
N PRO A 242 24.37 -2.74 -27.38
CA PRO A 242 25.60 -3.03 -28.11
C PRO A 242 25.73 -2.29 -29.42
N MET B 1 -8.14 -5.70 26.03
CA MET B 1 -8.28 -4.21 26.05
C MET B 1 -8.82 -3.72 27.40
N LYS B 2 -8.20 -2.68 27.94
CA LYS B 2 -8.61 -2.03 29.20
C LYS B 2 -9.46 -0.82 28.91
N VAL B 3 -10.68 -0.84 29.41
CA VAL B 3 -11.64 0.26 29.20
C VAL B 3 -11.80 1.02 30.48
N MET B 4 -11.59 2.32 30.42
CA MET B 4 -11.75 3.17 31.59
C MET B 4 -12.75 4.27 31.30
N GLU B 5 -13.88 4.24 32.02
CA GLU B 5 -14.83 5.35 31.92
C GLU B 5 -14.29 6.54 32.73
N CYS B 6 -14.40 7.70 32.12
CA CYS B 6 -13.97 8.96 32.69
C CYS B 6 -15.22 9.80 32.94
N GLN B 7 -15.23 10.56 34.03
CA GLN B 7 -16.43 11.33 34.39
C GLN B 7 -16.65 12.50 33.43
N THR B 8 -15.55 13.07 32.93
CA THR B 8 -15.57 14.24 32.08
C THR B 8 -14.45 14.16 31.04
N TYR B 9 -14.61 15.00 30.03
CA TYR B 9 -13.57 15.21 29.03
C TYR B 9 -12.24 15.68 29.68
N GLU B 10 -12.35 16.52 30.71
CA GLU B 10 -11.16 17.04 31.39
C GLU B 10 -10.44 15.91 32.11
N GLU B 11 -11.17 14.98 32.70
CA GLU B 11 -10.50 13.82 33.34
C GLU B 11 -9.88 12.89 32.31
N LEU B 12 -10.60 12.61 31.22
CA LEU B 12 -10.03 11.84 30.12
C LEU B 12 -8.73 12.46 29.67
N SER B 13 -8.72 13.77 29.48
CA SER B 13 -7.51 14.46 29.02
C SER B 13 -6.37 14.40 30.00
N GLN B 14 -6.68 14.54 31.29
CA GLN B 14 -5.69 14.40 32.35
C GLN B 14 -5.04 13.02 32.33
N ILE B 15 -5.86 11.98 32.26
CA ILE B 15 -5.34 10.64 32.30
C ILE B 15 -4.54 10.33 31.04
N ALA B 16 -5.02 10.80 29.88
CA ALA B 16 -4.29 10.57 28.64
C ALA B 16 -2.95 11.28 28.67
N ALA B 17 -2.90 12.51 29.16
CA ALA B 17 -1.64 13.23 29.23
C ALA B 17 -0.67 12.52 30.17
N ARG B 18 -1.17 12.00 31.28
CA ARG B 18 -0.32 11.29 32.23
C ARG B 18 0.27 10.04 31.61
N ILE B 19 -0.55 9.26 30.91
CA ILE B 19 -0.06 8.04 30.26
C ILE B 19 1.01 8.37 29.21
N THR B 20 0.73 9.43 28.44
CA THR B 20 1.71 9.86 27.44
C THR B 20 3.00 10.33 28.13
N ALA B 21 2.87 11.13 29.18
CA ALA B 21 4.04 11.57 29.93
C ALA B 21 4.84 10.41 30.50
N ASP B 22 4.14 9.38 30.96
CA ASP B 22 4.81 8.18 31.47
C ASP B 22 5.70 7.56 30.40
N THR B 23 5.17 7.50 29.19
CA THR B 23 5.95 6.93 28.07
C THR B 23 7.22 7.76 27.82
N ILE B 24 7.08 9.07 27.85
CA ILE B 24 8.19 9.99 27.59
C ILE B 24 9.23 9.92 28.66
N LYS B 25 8.82 9.78 29.91
CA LYS B 25 9.78 9.75 30.98
C LYS B 25 10.50 8.44 31.12
N GLU B 26 9.81 7.33 30.90
CA GLU B 26 10.47 6.04 30.98
C GLU B 26 11.50 5.87 29.86
N LYS B 27 11.19 6.45 28.70
CA LYS B 27 12.06 6.36 27.53
C LYS B 27 12.12 7.75 26.90
N PRO B 28 13.08 8.60 27.31
CA PRO B 28 13.17 9.97 26.77
C PRO B 28 13.32 10.03 25.27
N ASP B 29 13.81 8.96 24.67
CA ASP B 29 13.91 8.82 23.22
C ASP B 29 12.73 8.06 22.61
N ALA B 30 11.62 8.08 23.31
CA ALA B 30 10.40 7.44 22.83
C ALA B 30 9.95 7.99 21.52
N VAL B 31 9.30 7.11 20.78
CA VAL B 31 8.63 7.46 19.54
C VAL B 31 7.12 7.49 19.85
N LEU B 32 6.51 8.67 19.76
CA LEU B 32 5.08 8.81 20.05
C LEU B 32 4.32 8.87 18.73
N GLY B 33 3.28 8.06 18.62
CA GLY B 33 2.34 8.15 17.54
C GLY B 33 1.24 9.07 18.00
N LEU B 34 0.92 10.08 17.17
CA LEU B 34 0.01 11.14 17.61
C LEU B 34 -1.16 11.27 16.64
N ALA B 35 -2.21 11.94 17.11
CA ALA B 35 -3.50 12.10 16.40
C ALA B 35 -3.95 13.56 16.46
N THR B 36 -4.76 13.94 15.49
CA THR B 36 -5.36 15.25 15.48
C THR B 36 -6.85 15.10 15.76
N GLY B 37 -7.62 16.13 15.43
CA GLY B 37 -9.05 16.13 15.68
C GLY B 37 -9.43 16.79 16.99
N GLY B 38 -10.72 16.79 17.28
CA GLY B 38 -11.18 17.35 18.53
C GLY B 38 -10.79 16.59 19.77
N THR B 39 -10.79 15.26 19.66
CA THR B 39 -10.68 14.48 20.87
C THR B 39 -9.41 14.72 21.66
N PRO B 40 -8.23 14.79 21.02
CA PRO B 40 -7.01 14.91 21.84
C PRO B 40 -6.65 16.35 22.20
N GLU B 41 -7.50 17.33 21.89
CA GLU B 41 -7.14 18.74 22.18
C GLU B 41 -6.79 18.96 23.65
N GLY B 42 -7.62 18.42 24.55
CA GLY B 42 -7.35 18.57 25.97
C GLY B 42 -6.09 17.88 26.40
N THR B 43 -5.78 16.73 25.79
CA THR B 43 -4.54 16.01 26.09
C THR B 43 -3.31 16.85 25.78
N TYR B 44 -3.29 17.48 24.60
CA TYR B 44 -2.16 18.35 24.27
C TYR B 44 -2.09 19.51 25.23
N ARG B 45 -3.22 20.09 25.62
CA ARG B 45 -3.17 21.20 26.56
C ARG B 45 -2.57 20.75 27.88
N GLN B 46 -2.97 19.57 28.35
CA GLN B 46 -2.47 19.09 29.63
C GLN B 46 -1.01 18.69 29.57
N LEU B 47 -0.58 18.12 28.44
CA LEU B 47 0.88 17.84 28.25
C LEU B 47 1.72 19.09 28.33
N ILE B 48 1.23 20.16 27.71
CA ILE B 48 1.91 21.45 27.78
C ILE B 48 1.92 21.97 29.23
N ARG B 49 0.84 21.78 29.95
CA ARG B 49 0.83 22.19 31.34
C ARG B 49 1.86 21.43 32.13
N LEU B 50 1.97 20.11 31.92
CA LEU B 50 3.00 19.31 32.66
C LEU B 50 4.42 19.75 32.33
N HIS B 51 4.61 20.22 31.12
CA HIS B 51 5.89 20.81 30.72
C HIS B 51 6.28 21.90 31.69
N GLN B 52 5.31 22.70 32.14
CA GLN B 52 5.53 23.71 33.17
C GLN B 52 5.49 23.21 34.62
N THR B 53 4.42 22.53 35.01
CA THR B 53 4.21 22.18 36.41
C THR B 53 5.18 21.10 36.87
N GLU B 54 5.65 20.23 35.95
CA GLU B 54 6.52 19.10 36.29
C GLU B 54 7.86 19.15 35.57
N ASN B 55 8.14 20.23 34.89
CA ASN B 55 9.31 20.32 34.02
C ASN B 55 9.53 19.09 33.15
N LEU B 56 8.44 18.60 32.59
CA LEU B 56 8.49 17.49 31.70
C LEU B 56 9.16 17.93 30.41
N SER B 57 10.18 17.19 29.99
CA SER B 57 10.99 17.55 28.82
C SER B 57 10.69 16.67 27.65
N PHE B 58 10.63 17.26 26.48
CA PHE B 58 10.36 16.57 25.24
C PHE B 58 11.62 16.54 24.35
N GLN B 59 12.79 16.89 24.92
CA GLN B 59 13.99 17.12 24.11
C GLN B 59 14.45 15.94 23.24
N ASN B 60 14.20 14.69 23.67
CA ASN B 60 14.70 13.55 22.90
C ASN B 60 13.64 12.69 22.20
N ILE B 61 12.42 13.19 22.23
CA ILE B 61 11.28 12.47 21.66
C ILE B 61 11.27 12.59 20.16
N THR B 62 10.69 11.57 19.55
CA THR B 62 10.37 11.58 18.12
C THR B 62 8.87 11.36 18.05
N THR B 63 8.21 11.99 17.08
CA THR B 63 6.79 11.73 16.87
C THR B 63 6.45 11.43 15.43
N VAL B 64 5.42 10.60 15.26
CA VAL B 64 4.85 10.30 13.95
C VAL B 64 3.36 10.51 14.05
N ASN B 65 2.77 11.20 13.08
CA ASN B 65 1.31 11.40 13.08
C ASN B 65 0.60 10.35 12.22
N LEU B 66 -0.66 10.12 12.56
CA LEU B 66 -1.49 9.19 11.81
C LEU B 66 -1.71 9.57 10.38
N ASP B 67 -1.95 10.85 10.12
CA ASP B 67 -2.58 11.20 8.87
C ASP B 67 -2.39 12.65 8.48
N GLU B 68 -2.68 12.93 7.21
CA GLU B 68 -2.68 14.28 6.68
C GLU B 68 -3.62 14.31 5.48
N TYR B 69 -4.27 15.43 5.26
CA TYR B 69 -5.12 15.56 4.09
C TYR B 69 -4.30 15.68 2.80
N ALA B 70 -4.80 15.07 1.74
CA ALA B 70 -4.21 15.20 0.44
C ALA B 70 -4.51 16.54 -0.14
N GLY B 71 -3.46 17.17 -0.65
CA GLY B 71 -3.57 18.43 -1.35
C GLY B 71 -3.39 19.66 -0.50
N LEU B 72 -3.15 19.50 0.81
CA LEU B 72 -2.91 20.66 1.66
C LEU B 72 -1.41 20.78 1.98
N SER B 73 -0.87 22.00 1.90
CA SER B 73 0.48 22.28 2.32
C SER B 73 0.56 22.48 3.81
N SER B 74 1.77 22.45 4.34
CA SER B 74 1.97 22.48 5.79
C SER B 74 1.51 23.77 6.47
N ASP B 75 1.46 24.85 5.69
CA ASP B 75 1.07 26.15 6.21
C ASP B 75 -0.43 26.38 6.07
N ASP B 76 -1.16 25.48 5.43
CA ASP B 76 -2.62 25.61 5.32
C ASP B 76 -3.21 25.39 6.70
N PRO B 77 -4.10 26.31 7.15
CA PRO B 77 -4.63 26.20 8.50
C PRO B 77 -5.46 24.95 8.75
N ASN B 78 -5.92 24.26 7.69
CA ASN B 78 -6.62 22.99 7.87
C ASN B 78 -5.76 21.75 7.75
N SER B 79 -4.47 21.93 7.52
CA SER B 79 -3.58 20.78 7.52
C SER B 79 -3.32 20.28 8.90
N TYR B 80 -3.01 19.00 8.99
CA TYR B 80 -2.63 18.46 10.28
C TYR B 80 -1.19 18.83 10.69
N HIS B 81 -0.33 19.18 9.73
CA HIS B 81 0.92 19.85 10.07
C HIS B 81 0.64 21.10 10.90
N PHE B 82 -0.27 21.94 10.40
CA PHE B 82 -0.58 23.18 11.12
C PHE B 82 -1.17 22.89 12.49
N TYR B 83 -2.12 21.95 12.55
CA TYR B 83 -2.70 21.59 13.85
C TYR B 83 -1.60 21.22 14.84
N MET B 84 -0.72 20.32 14.44
CA MET B 84 0.26 19.81 15.39
C MET B 84 1.21 20.88 15.85
N ASN B 85 1.63 21.76 14.94
CA ASN B 85 2.47 22.86 15.34
C ASN B 85 1.78 23.80 16.30
N ASP B 86 0.55 24.16 15.94
CA ASP B 86 -0.23 25.10 16.76
C ASP B 86 -0.58 24.54 18.15
N ARG B 87 -1.05 23.29 18.22
CA ARG B 87 -1.53 22.74 19.47
C ARG B 87 -0.42 22.17 20.32
N PHE B 88 0.74 21.86 19.75
CA PHE B 88 1.72 21.07 20.48
C PHE B 88 3.17 21.49 20.28
N PHE B 89 3.68 21.37 19.06
CA PHE B 89 5.10 21.53 18.83
C PHE B 89 5.60 22.90 19.23
N GLN B 90 4.84 23.97 18.99
CA GLN B 90 5.32 25.34 19.31
C GLN B 90 5.49 25.59 20.80
N HIS B 91 4.97 24.69 21.62
CA HIS B 91 4.87 24.94 23.05
C HIS B 91 5.79 24.04 23.86
N ILE B 92 6.56 23.18 23.20
CA ILE B 92 7.43 22.21 23.87
C ILE B 92 8.87 22.35 23.40
N ASP B 93 9.76 21.69 24.14
CA ASP B 93 11.21 21.77 23.93
C ASP B 93 11.74 20.58 23.14
N SER B 94 10.98 20.15 22.15
CA SER B 94 11.43 19.06 21.29
C SER B 94 12.44 19.53 20.25
N LYS B 95 13.03 18.59 19.52
CA LYS B 95 13.79 18.90 18.30
C LYS B 95 12.80 18.87 17.15
N PRO B 96 12.52 20.02 16.56
CA PRO B 96 11.50 20.06 15.52
C PRO B 96 11.67 19.10 14.35
N SER B 97 12.92 18.78 13.99
CA SER B 97 13.12 17.87 12.87
C SER B 97 12.79 16.42 13.18
N ARG B 98 12.46 16.14 14.43
CA ARG B 98 12.04 14.79 14.82
C ARG B 98 10.53 14.62 14.95
N HIS B 99 9.79 15.58 14.37
CA HIS B 99 8.34 15.47 14.26
C HIS B 99 8.00 15.15 12.82
N PHE B 100 7.37 14.00 12.59
CA PHE B 100 7.08 13.51 11.24
C PHE B 100 5.57 13.41 11.02
N ILE B 101 5.15 13.87 9.85
CA ILE B 101 3.75 13.87 9.44
C ILE B 101 3.76 13.63 7.93
N PRO B 102 2.84 12.82 7.41
CA PRO B 102 2.88 12.62 5.95
C PRO B 102 2.71 13.92 5.18
N ASN B 103 3.39 14.04 4.04
CA ASN B 103 3.34 15.25 3.22
C ASN B 103 2.20 15.12 2.21
N GLY B 104 1.05 15.71 2.56
CA GLY B 104 -0.12 15.66 1.68
C GLY B 104 0.04 16.45 0.41
N ASN B 105 1.09 17.27 0.32
CA ASN B 105 1.36 18.08 -0.86
C ASN B 105 2.46 17.49 -1.75
N ALA B 106 2.91 16.25 -1.46
CA ALA B 106 3.92 15.62 -2.32
C ALA B 106 3.36 15.38 -3.72
N ASP B 107 4.24 15.40 -4.72
CA ASP B 107 3.85 15.20 -6.12
C ASP B 107 3.41 13.78 -6.38
N ASP B 108 3.97 12.82 -5.64
CA ASP B 108 3.61 11.41 -5.82
C ASP B 108 3.18 10.91 -4.43
N LEU B 109 1.88 10.85 -4.22
CA LEU B 109 1.37 10.51 -2.88
C LEU B 109 1.59 9.06 -2.53
N GLU B 110 1.55 8.18 -3.53
CA GLU B 110 1.83 6.77 -3.26
C GLU B 110 3.27 6.58 -2.79
N ALA B 111 4.20 7.27 -3.44
CA ALA B 111 5.58 7.22 -3.03
C ALA B 111 5.80 7.78 -1.63
N GLU B 112 5.14 8.89 -1.35
CA GLU B 112 5.19 9.48 -0.03
C GLU B 112 4.76 8.49 1.03
N CYS B 113 3.70 7.77 0.75
CA CYS B 113 3.20 6.78 1.72
C CYS B 113 4.19 5.65 1.95
N ARG B 114 4.81 5.16 0.88
CA ARG B 114 5.86 4.13 1.01
C ARG B 114 7.02 4.62 1.86
N ARG B 115 7.50 5.84 1.60
CA ARG B 115 8.60 6.40 2.39
C ARG B 115 8.20 6.60 3.85
N TYR B 116 6.94 6.99 4.10
CA TYR B 116 6.49 7.24 5.47
C TYR B 116 6.47 5.93 6.25
N GLU B 117 5.97 4.85 5.62
CA GLU B 117 5.93 3.57 6.29
C GLU B 117 7.36 3.12 6.61
N GLN B 118 8.25 3.33 5.65
CA GLN B 118 9.64 2.95 5.85
C GLN B 118 10.29 3.74 6.99
N LEU B 119 9.93 5.02 7.08
CA LEU B 119 10.44 5.85 8.18
C LEU B 119 9.94 5.34 9.50
N VAL B 120 8.65 5.06 9.62
CA VAL B 120 8.12 4.52 10.89
C VAL B 120 8.86 3.22 11.27
N ASP B 121 9.12 2.34 10.30
CA ASP B 121 9.89 1.12 10.61
C ASP B 121 11.28 1.44 11.11
N SER B 122 11.96 2.37 10.43
CA SER B 122 13.32 2.71 10.82
C SER B 122 13.43 3.33 12.19
N LEU B 123 12.35 3.95 12.65
CA LEU B 123 12.31 4.54 14.00
C LEU B 123 12.21 3.50 15.10
N GLY B 124 11.94 2.26 14.74
CA GLY B 124 11.70 1.20 15.68
C GLY B 124 10.23 1.04 16.06
N ASP B 125 9.32 1.52 15.22
CA ASP B 125 7.88 1.49 15.50
C ASP B 125 7.58 2.51 16.60
N THR B 126 6.30 2.70 16.91
CA THR B 126 5.95 3.60 18.02
C THR B 126 5.97 2.93 19.41
N ASP B 127 6.35 3.69 20.42
CA ASP B 127 6.26 3.28 21.83
C ASP B 127 4.83 3.42 22.40
N ILE B 128 4.10 4.41 21.90
CA ILE B 128 2.69 4.56 22.22
C ILE B 128 2.04 5.17 20.99
N GLN B 129 0.82 4.77 20.69
CA GLN B 129 0.07 5.36 19.60
C GLN B 129 -1.25 5.88 20.15
N LEU B 130 -1.43 7.20 20.07
CA LEU B 130 -2.70 7.83 20.40
C LEU B 130 -3.65 7.70 19.19
N LEU B 131 -4.90 7.37 19.47
CA LEU B 131 -5.94 7.26 18.45
C LEU B 131 -7.20 7.95 18.91
N GLY B 132 -7.95 8.43 17.95
CA GLY B 132 -9.38 8.68 18.13
C GLY B 132 -10.18 7.63 17.39
N ILE B 133 -11.48 7.82 17.33
CA ILE B 133 -12.38 6.91 16.60
C ILE B 133 -13.36 7.72 15.78
N GLY B 134 -13.56 7.32 14.53
CA GLY B 134 -14.60 7.93 13.72
C GLY B 134 -15.96 7.55 14.21
N ARG B 135 -16.97 8.30 13.76
CA ARG B 135 -18.33 7.92 14.06
C ARG B 135 -18.64 6.55 13.50
N ASN B 136 -17.95 6.15 12.44
CA ASN B 136 -18.12 4.87 11.80
C ASN B 136 -17.04 3.84 12.18
N GLY B 137 -16.32 4.11 13.26
CA GLY B 137 -15.29 3.18 13.71
C GLY B 137 -13.92 3.30 13.04
N HIS B 138 -13.70 4.30 12.17
CA HIS B 138 -12.39 4.42 11.58
C HIS B 138 -11.34 4.72 12.63
N ILE B 139 -10.12 4.28 12.35
CA ILE B 139 -8.93 4.64 13.13
C ILE B 139 -7.91 5.14 12.11
N GLY B 140 -7.18 6.18 12.45
CA GLY B 140 -6.61 7.03 11.41
C GLY B 140 -7.68 7.39 10.39
N PHE B 141 -7.39 7.30 9.10
CA PHE B 141 -8.45 7.39 8.10
C PHE B 141 -8.65 6.07 7.38
N ASN B 142 -8.42 4.98 8.12
CA ASN B 142 -8.77 3.64 7.64
C ASN B 142 -10.27 3.42 7.81
N GLU B 143 -10.98 3.61 6.71
CA GLU B 143 -12.41 3.55 6.70
C GLU B 143 -12.92 2.11 6.65
N PRO B 144 -14.21 1.89 6.98
CA PRO B 144 -14.75 0.54 6.90
C PRO B 144 -14.40 -0.14 5.59
N GLY B 145 -14.05 -1.41 5.70
CA GLY B 145 -13.60 -2.18 4.56
C GLY B 145 -12.09 -2.26 4.40
N THR B 146 -11.33 -1.55 5.21
CA THR B 146 -9.88 -1.53 5.08
C THR B 146 -9.29 -2.85 5.65
N SER B 147 -8.37 -3.47 4.92
CA SER B 147 -7.68 -4.64 5.43
C SER B 147 -6.94 -4.35 6.73
N PHE B 148 -6.98 -5.31 7.66
CA PHE B 148 -6.18 -5.21 8.88
C PHE B 148 -4.70 -5.31 8.57
N LYS B 149 -4.29 -5.72 7.37
CA LYS B 149 -2.89 -5.77 6.95
C LYS B 149 -2.42 -4.48 6.27
N SER B 150 -3.31 -3.49 6.18
CA SER B 150 -2.99 -2.26 5.48
C SER B 150 -1.81 -1.55 6.10
N ARG B 151 -1.06 -0.87 5.24
CA ARG B 151 0.07 -0.04 5.61
C ARG B 151 -0.24 1.41 5.21
N THR B 152 0.71 2.32 5.37
CA THR B 152 0.42 3.73 5.08
C THR B 152 -0.05 3.82 3.62
N HIS B 153 -1.15 4.55 3.38
CA HIS B 153 -1.73 4.58 2.06
C HIS B 153 -2.59 5.79 1.83
N VAL B 154 -2.92 6.03 0.56
CA VAL B 154 -3.82 7.09 0.13
C VAL B 154 -5.23 6.54 0.17
N VAL B 155 -6.13 7.31 0.77
CA VAL B 155 -7.52 6.92 0.93
C VAL B 155 -8.47 7.98 0.42
N THR B 156 -9.65 7.51 0.01
CA THR B 156 -10.75 8.39 -0.33
C THR B 156 -11.65 8.41 0.90
N LEU B 157 -11.81 9.59 1.49
CA LEU B 157 -12.59 9.73 2.72
C LEU B 157 -14.06 9.41 2.51
N ASN B 158 -14.62 8.69 3.47
CA ASN B 158 -16.07 8.44 3.42
C ASN B 158 -16.82 9.74 3.60
N GLU B 159 -18.02 9.81 3.05
CA GLU B 159 -18.84 10.99 3.22
C GLU B 159 -19.11 11.29 4.70
N GLN B 160 -19.27 10.26 5.52
CA GLN B 160 -19.52 10.52 6.98
C GLN B 160 -18.33 11.27 7.62
N THR B 161 -17.12 11.01 7.14
CA THR B 161 -15.94 11.63 7.69
C THR B 161 -15.87 13.09 7.24
N ARG B 162 -16.19 13.34 5.97
CA ARG B 162 -16.24 14.72 5.47
C ARG B 162 -17.32 15.51 6.19
N GLN B 163 -18.49 14.88 6.38
CA GLN B 163 -19.59 15.50 7.11
C GLN B 163 -19.14 15.88 8.54
N ALA B 164 -18.43 14.97 9.22
CA ALA B 164 -18.03 15.21 10.60
C ALA B 164 -16.97 16.30 10.72
N ASN B 165 -16.09 16.38 9.72
CA ASN B 165 -14.94 17.27 9.79
C ASN B 165 -15.25 18.63 9.18
N ALA B 166 -16.42 18.77 8.54
CA ALA B 166 -16.79 20.04 7.92
C ALA B 166 -16.79 21.21 8.88
N ARG B 167 -17.03 20.96 10.16
CA ARG B 167 -17.02 21.98 11.19
C ARG B 167 -15.73 22.78 11.26
N TYR B 168 -14.66 22.19 10.76
CA TYR B 168 -13.36 22.87 10.80
C TYR B 168 -13.02 23.68 9.59
N PHE B 169 -13.83 23.61 8.55
CA PHE B 169 -13.53 24.24 7.26
C PHE B 169 -14.41 25.42 6.98
N PRO B 170 -13.96 26.30 6.07
CA PRO B 170 -14.79 27.44 5.71
C PRO B 170 -16.09 27.07 5.05
N SER B 171 -16.11 25.95 4.32
CA SER B 171 -17.27 25.52 3.57
C SER B 171 -17.17 24.03 3.35
N ILE B 172 -18.29 23.42 3.00
CA ILE B 172 -18.26 21.97 2.67
C ILE B 172 -17.43 21.70 1.42
N ASP B 173 -17.42 22.65 0.49
CA ASP B 173 -16.64 22.52 -0.73
C ASP B 173 -15.14 22.50 -0.48
N SER B 174 -14.68 22.99 0.67
CA SER B 174 -13.23 23.00 1.00
C SER B 174 -12.75 21.73 1.67
N VAL B 175 -13.66 20.87 2.11
CA VAL B 175 -13.24 19.66 2.83
C VAL B 175 -12.59 18.72 1.82
N PRO B 176 -11.35 18.28 2.07
CA PRO B 176 -10.68 17.39 1.12
C PRO B 176 -11.41 16.07 0.91
N LYS B 177 -11.21 15.51 -0.28
CA LYS B 177 -11.76 14.21 -0.61
C LYS B 177 -10.85 13.04 -0.31
N LYS B 178 -9.55 13.31 -0.19
CA LYS B 178 -8.59 12.25 0.04
C LYS B 178 -7.60 12.60 1.17
N ALA B 179 -6.92 11.57 1.66
CA ALA B 179 -5.95 11.72 2.70
C ALA B 179 -4.89 10.63 2.61
N LEU B 180 -3.80 10.83 3.37
CA LEU B 180 -2.73 9.87 3.59
C LEU B 180 -2.85 9.41 5.03
N THR B 181 -2.86 8.11 5.25
CA THR B 181 -3.00 7.56 6.61
C THR B 181 -2.13 6.35 6.84
N MET B 182 -1.58 6.32 8.03
CA MET B 182 -1.00 5.07 8.55
C MET B 182 -2.07 4.00 8.45
N GLY B 183 -1.65 2.80 8.09
CA GLY B 183 -2.55 1.68 7.96
C GLY B 183 -2.86 1.00 9.28
N ILE B 184 -3.80 0.10 9.25
CA ILE B 184 -4.14 -0.66 10.43
C ILE B 184 -2.96 -1.48 10.97
N GLN B 185 -2.18 -2.11 10.08
CA GLN B 185 -1.01 -2.83 10.56
C GLN B 185 0.03 -1.86 11.09
N THR B 186 0.16 -0.68 10.49
CA THR B 186 1.11 0.31 11.01
C THR B 186 0.74 0.68 12.47
N ILE B 187 -0.56 0.84 12.72
CA ILE B 187 -1.08 1.16 14.06
C ILE B 187 -0.84 -0.01 15.03
N LEU B 188 -1.15 -1.22 14.57
CA LEU B 188 -1.07 -2.41 15.42
C LEU B 188 0.35 -2.74 15.80
N SER B 189 1.32 -2.26 15.03
CA SER B 189 2.73 -2.47 15.33
C SER B 189 3.21 -1.65 16.54
N SER B 190 2.41 -0.69 17.01
CA SER B 190 2.74 0.06 18.20
C SER B 190 2.92 -0.86 19.41
N LYS B 191 3.81 -0.48 20.32
CA LYS B 191 3.95 -1.20 21.56
C LYS B 191 2.70 -1.06 22.47
N ARG B 192 2.03 0.08 22.37
CA ARG B 192 0.96 0.42 23.29
C ARG B 192 0.00 1.35 22.59
N ILE B 193 -1.30 1.07 22.70
CA ILE B 193 -2.29 1.92 22.07
C ILE B 193 -3.14 2.62 23.13
N LEU B 194 -3.40 3.91 22.93
CA LEU B 194 -4.25 4.72 23.79
C LEU B 194 -5.33 5.33 22.90
N LEU B 195 -6.54 4.79 23.01
CA LEU B 195 -7.69 5.24 22.24
C LEU B 195 -8.56 6.14 23.11
N LEU B 196 -8.81 7.35 22.60
CA LEU B 196 -9.57 8.35 23.30
C LEU B 196 -10.93 8.55 22.63
N ILE B 197 -12.00 8.58 23.43
CA ILE B 197 -13.35 8.66 22.87
C ILE B 197 -14.20 9.56 23.76
N SER B 198 -14.73 10.63 23.16
CA SER B 198 -15.47 11.64 23.87
C SER B 198 -16.72 12.09 23.13
N GLY B 199 -17.82 12.20 23.88
CA GLY B 199 -19.01 12.83 23.36
C GLY B 199 -20.05 11.90 22.77
N LYS B 200 -21.29 12.40 22.73
CA LYS B 200 -22.44 11.62 22.25
C LYS B 200 -22.31 11.15 20.80
N SER B 201 -21.59 11.88 19.96
CA SER B 201 -21.43 11.48 18.58
C SER B 201 -20.71 10.15 18.40
N LYS B 202 -19.97 9.71 19.45
CA LYS B 202 -19.25 8.46 19.40
C LYS B 202 -19.93 7.31 20.13
N ALA B 203 -21.12 7.53 20.71
CA ALA B 203 -21.74 6.50 21.54
C ALA B 203 -22.08 5.23 20.77
N GLU B 204 -22.47 5.34 19.51
CA GLU B 204 -22.74 4.13 18.70
C GLU B 204 -21.46 3.37 18.41
N ALA B 205 -20.38 4.09 18.13
CA ALA B 205 -19.09 3.46 17.87
C ALA B 205 -18.58 2.77 19.12
N VAL B 206 -18.77 3.38 20.27
CA VAL B 206 -18.37 2.74 21.53
C VAL B 206 -19.14 1.44 21.72
N ARG B 207 -20.46 1.44 21.47
CA ARG B 207 -21.23 0.23 21.61
C ARG B 207 -20.66 -0.87 20.72
N LYS B 208 -20.39 -0.56 19.46
CA LYS B 208 -19.89 -1.57 18.54
C LYS B 208 -18.50 -2.05 18.97
N LEU B 209 -17.66 -1.16 19.47
CA LEU B 209 -16.32 -1.55 19.90
C LEU B 209 -16.44 -2.54 21.05
N LEU B 210 -17.26 -2.21 22.03
CA LEU B 210 -17.38 -3.03 23.24
C LEU B 210 -18.13 -4.34 22.99
N GLU B 211 -18.99 -4.40 21.98
CA GLU B 211 -19.69 -5.66 21.64
C GLU B 211 -18.72 -6.72 21.09
N GLY B 212 -17.60 -6.29 20.53
CA GLY B 212 -16.50 -7.22 20.34
C GLY B 212 -16.53 -8.06 19.09
N ASN B 213 -17.39 -7.72 18.14
CA ASN B 213 -17.31 -8.34 16.81
C ASN B 213 -16.06 -7.83 16.11
N ILE B 214 -15.24 -8.73 15.60
CA ILE B 214 -14.00 -8.30 14.94
C ILE B 214 -14.20 -8.43 13.44
N SER B 215 -14.18 -7.29 12.74
CA SER B 215 -14.31 -7.32 11.30
C SER B 215 -13.88 -6.02 10.65
N GLU B 216 -13.57 -6.12 9.36
CA GLU B 216 -13.14 -4.94 8.61
C GLU B 216 -14.23 -3.88 8.47
N ASP B 217 -15.50 -4.26 8.66
CA ASP B 217 -16.58 -3.29 8.57
C ASP B 217 -16.50 -2.23 9.68
N PHE B 218 -15.75 -2.52 10.76
CA PHE B 218 -15.60 -1.62 11.90
C PHE B 218 -14.11 -1.56 12.29
N PRO B 219 -13.35 -0.66 11.64
CA PRO B 219 -11.90 -0.71 11.70
C PRO B 219 -11.33 -0.78 13.10
N ALA B 220 -11.94 -0.09 14.07
CA ALA B 220 -11.39 -0.07 15.44
C ALA B 220 -11.42 -1.46 16.09
N SER B 221 -12.25 -2.35 15.56
CA SER B 221 -12.30 -3.70 16.11
C SER B 221 -10.98 -4.45 15.95
N ALA B 222 -10.10 -3.99 15.06
CA ALA B 222 -8.75 -4.54 14.97
C ALA B 222 -8.05 -4.47 16.31
N LEU B 223 -8.42 -3.50 17.12
CA LEU B 223 -7.74 -3.31 18.41
C LEU B 223 -7.96 -4.46 19.40
N HIS B 224 -8.98 -5.28 19.17
CA HIS B 224 -9.15 -6.48 19.98
C HIS B 224 -8.02 -7.49 19.73
N LEU B 225 -7.22 -7.29 18.69
CA LEU B 225 -6.12 -8.17 18.41
C LEU B 225 -4.79 -7.72 18.98
N HIS B 226 -4.79 -6.60 19.70
CA HIS B 226 -3.58 -6.01 20.26
C HIS B 226 -3.45 -6.34 21.75
N SER B 227 -2.23 -6.47 22.22
CA SER B 227 -1.96 -6.89 23.59
C SER B 227 -1.91 -5.79 24.65
N ASP B 228 -1.89 -4.54 24.22
CA ASP B 228 -1.86 -3.43 25.20
C ASP B 228 -2.61 -2.21 24.68
N VAL B 229 -3.92 -2.28 24.84
CA VAL B 229 -4.81 -1.21 24.41
C VAL B 229 -5.53 -0.69 25.62
N THR B 230 -5.50 0.64 25.79
CA THR B 230 -6.29 1.30 26.79
C THR B 230 -7.25 2.21 26.06
N VAL B 231 -8.51 2.17 26.47
CA VAL B 231 -9.57 2.98 25.86
C VAL B 231 -10.15 3.87 26.96
N LEU B 232 -10.05 5.19 26.79
CA LEU B 232 -10.63 6.14 27.71
C LEU B 232 -11.92 6.66 27.10
N ILE B 233 -13.05 6.56 27.82
CA ILE B 233 -14.37 6.90 27.27
C ILE B 233 -15.05 7.80 28.27
N ASP B 234 -15.47 9.00 27.87
CA ASP B 234 -16.19 9.84 28.79
C ASP B 234 -17.67 9.43 28.89
N ARG B 235 -18.40 10.05 29.81
CA ARG B 235 -19.77 9.61 30.12
C ARG B 235 -20.67 9.67 28.93
N GLU B 236 -20.60 10.74 28.16
CA GLU B 236 -21.43 10.91 27.00
C GLU B 236 -21.15 9.84 25.95
N ALA B 237 -19.88 9.49 25.75
CA ALA B 237 -19.52 8.48 24.78
C ALA B 237 -19.92 7.08 25.23
N ALA B 238 -20.06 6.87 26.55
CA ALA B 238 -20.42 5.58 27.12
C ALA B 238 -21.91 5.31 27.22
N SER B 239 -22.72 6.25 26.76
CA SER B 239 -24.16 6.24 27.04
C SER B 239 -24.99 5.18 26.35
N LEU B 240 -24.42 4.46 25.36
CA LEU B 240 -25.12 3.39 24.65
C LEU B 240 -24.38 2.06 24.79
N ARG B 241 -23.55 1.92 25.80
CA ARG B 241 -22.72 0.71 25.95
C ARG B 241 -23.63 -0.52 26.08
N PRO B 242 -23.16 -1.71 25.70
CA PRO B 242 -24.02 -2.88 25.86
C PRO B 242 -24.03 -3.42 27.30
C1 F6R C . 6.15 -8.99 -12.95
C2 F6R C . 7.34 -9.94 -12.87
C3 F6R C . 8.80 -9.52 -12.70
C4 F6R C . 9.06 -8.03 -13.00
C5 F6R C . 10.52 -7.63 -12.86
C6 F6R C . 10.72 -6.14 -13.10
O1 F6R C . 4.91 -9.66 -12.71
O2 F6R C . 7.09 -11.12 -13.00
O3 F6R C . 9.58 -10.25 -13.63
O4 F6R C . 8.63 -7.76 -14.32
O5 F6R C . 11.05 -7.99 -11.58
O6 F6R C . 10.06 -5.41 -12.06
P F6R C . 9.89 -3.82 -12.20
O1P F6R C . 8.91 -3.59 -13.32
O2P F6R C . 11.26 -3.29 -12.56
O3P F6R C . 9.38 -3.33 -10.89
C1 F6R D . -6.79 11.54 14.04
C2 F6R D . -7.50 10.54 13.17
C3 F6R D . -9.01 10.33 13.07
C4 F6R D . -9.80 10.98 14.22
C5 F6R D . -11.30 10.71 14.15
C6 F6R D . -12.06 11.39 15.26
O1 F6R D . -5.44 11.85 13.62
O2 F6R D . -6.78 9.83 12.52
O3 F6R D . -9.26 8.92 13.09
O4 F6R D . -9.33 10.40 15.44
O5 F6R D . -11.82 11.10 12.88
O6 F6R D . -11.94 12.81 15.13
P F6R D . -12.44 13.73 16.32
O1P F6R D . -11.43 13.56 17.44
O2P F6R D . -13.80 13.25 16.70
O3P F6R D . -12.39 15.15 15.76
#